data_4YKP
#
_entry.id   4YKP
#
_cell.length_a   45.862
_cell.length_b   123.420
_cell.length_c   54.258
_cell.angle_alpha   90.00
_cell.angle_beta   112.10
_cell.angle_gamma   90.00
#
_symmetry.space_group_name_H-M   'P 1 21 1'
#
loop_
_entity.id
_entity.type
_entity.pdbx_description
1 polymer 'ML032222a iGluR'
2 non-polymer GLYCINE
3 non-polymer SERINE
4 non-polymer 'MAGNESIUM ION'
5 water water
#
_entity_poly.entity_id   1
_entity_poly.type   'polypeptide(L)'
_entity_poly.pdbx_seq_one_letter_code
;GSKNLIGRHLRLGSVEEQPFMFFATEGCEGNDCWSGMVNDMVVKLSEDLGFTYEYIQPDDRKFGALNKTTNEWNGMIRDL
LDDKTDMIAIDLSTNSARKSAIDYSFPFMDAGIKAVVKGEGTTLNQVLELLDQDKYKWGVIGSRHPETLLKTHRDSRYSR
LVDEGVELKDLNHAIETLRGGLFVFIDEGPVLAHNLISDCDVFSVGEEFQSFEYAFGLPKDSPYKSLIDSHLLKFREEGF
IDILWEKWSSGNSVCS
;
_entity_poly.pdbx_strand_id   A,B
#
loop_
_chem_comp.id
_chem_comp.type
_chem_comp.name
_chem_comp.formula
MG non-polymer 'MAGNESIUM ION' 'Mg 2'
#
# COMPACT_ATOMS: atom_id res chain seq x y z
N LEU A 5 -15.98 19.26 3.31
CA LEU A 5 -14.81 20.13 3.34
C LEU A 5 -15.04 21.45 2.60
N ILE A 6 -16.16 21.56 1.92
CA ILE A 6 -16.44 22.79 1.19
C ILE A 6 -16.55 23.95 2.18
N GLY A 7 -15.74 24.98 1.97
CA GLY A 7 -15.74 26.11 2.88
C GLY A 7 -14.80 26.00 4.07
N ARG A 8 -14.34 24.79 4.38
CA ARG A 8 -13.49 24.55 5.54
C ARG A 8 -12.07 25.03 5.32
N HIS A 9 -11.36 25.31 6.41
CA HIS A 9 -9.95 25.66 6.36
C HIS A 9 -9.13 24.60 7.07
N LEU A 10 -8.16 24.03 6.38
CA LEU A 10 -7.33 22.97 6.98
C LEU A 10 -5.93 23.49 7.30
N ARG A 11 -5.50 23.29 8.53
CA ARG A 11 -4.14 23.52 8.93
C ARG A 11 -3.32 22.27 8.70
N LEU A 12 -2.34 22.34 7.83
CA LEU A 12 -1.61 21.15 7.38
C LEU A 12 -0.20 21.12 7.91
N GLY A 13 0.16 20.09 8.67
CA GLY A 13 1.52 19.96 9.14
C GLY A 13 2.41 19.51 8.02
N SER A 14 3.59 20.10 7.90
CA SER A 14 4.55 19.67 6.88
C SER A 14 5.92 20.22 7.23
N VAL A 15 6.93 19.72 6.54
CA VAL A 15 8.30 20.23 6.60
C VAL A 15 8.90 19.96 5.24
N GLU A 16 10.02 20.59 4.95
CA GLU A 16 10.75 20.25 3.74
C GLU A 16 11.28 18.83 3.78
N GLU A 17 11.04 18.09 2.68
CA GLU A 17 11.59 16.76 2.47
C GLU A 17 11.55 16.51 0.96
N GLN A 18 12.64 16.81 0.28
CA GLN A 18 12.60 16.76 -1.18
C GLN A 18 12.54 15.30 -1.59
N PRO A 19 11.75 14.97 -2.64
CA PRO A 19 11.03 15.83 -3.57
C PRO A 19 9.56 15.96 -3.23
N PHE A 20 9.18 15.51 -2.03
CA PHE A 20 7.81 15.61 -1.57
C PHE A 20 7.40 17.02 -1.24
N MET A 21 8.27 17.73 -0.52
CA MET A 21 8.05 19.15 -0.23
C MET A 21 9.37 19.91 -0.30
N PHE A 22 9.30 21.08 -0.89
CA PHE A 22 10.37 22.09 -0.93
C PHE A 22 9.78 23.30 -0.23
N PHE A 23 10.53 23.87 0.71
CA PHE A 23 10.09 25.08 1.41
C PHE A 23 11.08 26.19 1.14
N ALA A 24 10.60 27.26 0.51
CA ALA A 24 11.42 28.42 0.24
C ALA A 24 11.40 29.28 1.50
N THR A 25 12.58 29.69 1.94
CA THR A 25 12.70 30.42 3.19
C THR A 25 12.67 31.95 2.99
N GLU A 26 12.56 32.39 1.75
CA GLU A 26 12.53 33.80 1.39
C GLU A 26 11.92 33.89 0.00
N GLY A 27 11.49 35.09 -0.37
CA GLY A 27 11.07 35.36 -1.75
C GLY A 27 9.69 34.80 -2.09
N CYS A 28 8.85 34.62 -1.10
CA CYS A 28 7.56 34.00 -1.27
C CYS A 28 6.70 34.39 -0.07
N GLU A 29 5.40 34.14 -0.19
CA GLU A 29 4.47 34.39 0.88
C GLU A 29 3.47 33.24 0.99
N GLY A 30 3.20 32.82 2.22
CA GLY A 30 2.16 31.84 2.49
C GLY A 30 2.34 30.53 1.75
N ASN A 31 1.25 30.03 1.18
CA ASN A 31 1.28 28.73 0.53
C ASN A 31 2.25 28.68 -0.64
N ASP A 32 2.56 29.82 -1.24
CA ASP A 32 3.43 29.81 -2.42
C ASP A 32 4.89 29.53 -2.04
N CYS A 33 5.20 29.53 -0.74
CA CYS A 33 6.51 29.07 -0.29
C CYS A 33 6.74 27.59 -0.48
N TRP A 34 5.66 26.84 -0.72
CA TRP A 34 5.77 25.39 -0.79
C TRP A 34 5.60 24.88 -2.21
N SER A 35 6.32 23.82 -2.52
CA SER A 35 6.20 23.15 -3.80
C SER A 35 6.61 21.70 -3.63
N GLY A 36 6.27 20.87 -4.62
CA GLY A 36 6.69 19.49 -4.64
C GLY A 36 5.52 18.55 -4.84
N MET A 37 5.82 17.26 -4.79
CA MET A 37 4.82 16.26 -5.05
C MET A 37 3.64 16.36 -4.10
N VAL A 38 3.92 16.47 -2.81
CA VAL A 38 2.84 16.56 -1.83
C VAL A 38 2.07 17.87 -2.00
N ASN A 39 2.77 18.97 -2.27
CA ASN A 39 2.07 20.22 -2.50
C ASN A 39 1.09 20.11 -3.69
N ASP A 40 1.54 19.45 -4.75
CA ASP A 40 0.67 19.27 -5.91
C ASP A 40 -0.58 18.42 -5.55
N MET A 41 -0.39 17.43 -4.67
CA MET A 41 -1.52 16.64 -4.18
C MET A 41 -2.48 17.50 -3.38
N VAL A 42 -1.94 18.32 -2.47
CA VAL A 42 -2.77 19.20 -1.65
C VAL A 42 -3.53 20.22 -2.50
N VAL A 43 -2.84 20.83 -3.46
CA VAL A 43 -3.49 21.80 -4.34
C VAL A 43 -4.68 21.13 -5.05
N LYS A 44 -4.49 19.92 -5.60
CA LYS A 44 -5.58 19.26 -6.29
C LYS A 44 -6.72 18.90 -5.34
N LEU A 45 -6.37 18.39 -4.16
CA LEU A 45 -7.39 18.12 -3.16
C LEU A 45 -8.19 19.38 -2.82
N SER A 46 -7.49 20.49 -2.63
N SER A 46 -7.50 20.50 -2.66
CA SER A 46 -8.13 21.75 -2.31
CA SER A 46 -8.17 21.75 -2.29
C SER A 46 -9.12 22.17 -3.39
C SER A 46 -9.12 22.22 -3.40
N GLU A 47 -8.71 22.03 -4.65
CA GLU A 47 -9.58 22.41 -5.77
C GLU A 47 -10.81 21.51 -5.82
N ASP A 48 -10.61 20.22 -5.66
CA ASP A 48 -11.68 19.26 -5.82
C ASP A 48 -12.65 19.23 -4.62
N LEU A 49 -12.13 19.47 -3.41
CA LEU A 49 -12.97 19.37 -2.22
C LEU A 49 -13.41 20.74 -1.68
N GLY A 50 -12.77 21.81 -2.14
CA GLY A 50 -13.25 23.15 -1.83
C GLY A 50 -12.78 23.76 -0.51
N PHE A 51 -11.72 23.22 0.08
CA PHE A 51 -11.18 23.80 1.29
C PHE A 51 -10.05 24.78 0.99
N THR A 52 -9.82 25.68 1.93
CA THR A 52 -8.62 26.48 1.94
C THR A 52 -7.64 25.84 2.93
N TYR A 53 -6.38 26.23 2.88
CA TYR A 53 -5.37 25.61 3.72
C TYR A 53 -4.19 26.51 3.95
N GLU A 54 -3.40 26.12 4.95
CA GLU A 54 -2.10 26.71 5.21
C GLU A 54 -1.22 25.59 5.75
N TYR A 55 0.08 25.79 5.63
CA TYR A 55 1.03 24.84 6.17
C TYR A 55 1.64 25.37 7.45
N ILE A 56 1.79 24.45 8.41
CA ILE A 56 2.33 24.77 9.72
C ILE A 56 3.45 23.77 10.00
N GLN A 57 4.65 24.31 10.18
CA GLN A 57 5.81 23.50 10.53
C GLN A 57 5.96 23.38 12.05
N PRO A 58 6.37 22.21 12.50
CA PRO A 58 6.65 22.11 13.94
C PRO A 58 7.87 22.92 14.30
N ASP A 59 7.81 23.54 15.47
CA ASP A 59 8.92 24.38 15.86
C ASP A 59 10.22 23.59 16.00
N ASP A 60 10.10 22.32 16.39
CA ASP A 60 11.28 21.49 16.56
C ASP A 60 11.81 20.90 15.24
N ARG A 61 11.08 21.13 14.15
CA ARG A 61 11.43 20.70 12.79
C ARG A 61 11.62 19.18 12.64
N LYS A 62 11.00 18.43 13.54
CA LYS A 62 11.06 16.97 13.48
C LYS A 62 9.81 16.35 12.85
N PHE A 63 9.98 15.15 12.30
CA PHE A 63 8.83 14.38 11.84
C PHE A 63 8.02 13.90 13.04
N GLY A 64 8.69 13.24 13.96
CA GLY A 64 8.06 12.88 15.22
C GLY A 64 8.26 11.45 15.63
N ALA A 65 8.53 11.26 16.92
CA ALA A 65 8.66 9.95 17.51
C ALA A 65 8.21 10.04 18.97
N LEU A 66 7.98 8.87 19.58
CA LEU A 66 7.54 8.79 20.95
C LEU A 66 8.75 8.55 21.82
N ASN A 67 8.97 9.47 22.75
CA ASN A 67 10.04 9.35 23.72
C ASN A 67 9.58 8.40 24.83
N LYS A 68 10.27 7.26 24.98
CA LYS A 68 9.80 6.24 25.92
C LYS A 68 10.15 6.56 27.36
N THR A 69 10.90 7.63 27.60
CA THR A 69 11.14 8.09 28.96
C THR A 69 9.99 8.96 29.44
N THR A 70 9.53 9.87 28.58
CA THR A 70 8.48 10.82 28.96
C THR A 70 7.10 10.39 28.49
N ASN A 71 7.07 9.41 27.59
CA ASN A 71 5.84 9.04 26.91
C ASN A 71 5.20 10.22 26.18
N GLU A 72 6.03 11.13 25.67
CA GLU A 72 5.55 12.24 24.86
C GLU A 72 6.11 12.22 23.46
N TRP A 73 5.29 12.70 22.55
CA TRP A 73 5.60 12.85 21.14
C TRP A 73 6.22 14.22 20.89
N ASN A 74 6.93 14.29 19.78
CA ASN A 74 7.43 15.55 19.25
C ASN A 74 7.09 15.69 17.78
N GLY A 75 7.62 16.72 17.14
CA GLY A 75 7.48 16.91 15.71
C GLY A 75 6.07 17.15 15.22
N MET A 76 5.85 16.83 13.95
CA MET A 76 4.54 16.99 13.33
C MET A 76 3.49 16.15 14.04
N ILE A 77 3.88 14.97 14.53
CA ILE A 77 2.92 14.12 15.25
C ILE A 77 2.38 14.87 16.48
N ARG A 78 3.28 15.45 17.26
CA ARG A 78 2.87 16.18 18.45
C ARG A 78 1.98 17.38 18.11
N ASP A 79 2.31 18.11 17.04
CA ASP A 79 1.49 19.26 16.66
C ASP A 79 0.06 18.78 16.32
N LEU A 80 -0.05 17.63 15.65
CA LEU A 80 -1.36 17.10 15.33
C LEU A 80 -2.12 16.72 16.61
N LEU A 81 -1.46 16.02 17.51
CA LEU A 81 -2.09 15.61 18.78
C LEU A 81 -2.51 16.80 19.62
N ASP A 82 -1.76 17.89 19.49
CA ASP A 82 -2.02 19.14 20.21
C ASP A 82 -3.12 19.97 19.53
N ASP A 83 -3.69 19.47 18.43
CA ASP A 83 -4.70 20.20 17.66
C ASP A 83 -4.17 21.55 17.12
N LYS A 84 -2.88 21.58 16.76
CA LYS A 84 -2.31 22.74 16.05
C LYS A 84 -2.50 22.57 14.54
N THR A 85 -2.72 21.32 14.13
CA THR A 85 -2.96 20.98 12.73
C THR A 85 -4.09 19.97 12.62
N ASP A 86 -4.71 19.92 11.44
CA ASP A 86 -5.83 19.04 11.13
C ASP A 86 -5.41 17.78 10.40
N MET A 87 -4.28 17.85 9.70
CA MET A 87 -3.77 16.75 8.89
C MET A 87 -2.28 16.97 8.69
N ILE A 88 -1.50 15.90 8.61
CA ILE A 88 -0.09 15.99 8.26
C ILE A 88 0.05 15.61 6.79
N ALA A 89 0.48 16.60 5.98
CA ALA A 89 0.61 16.43 4.54
C ALA A 89 2.11 16.41 4.21
N ILE A 90 2.64 15.19 4.09
CA ILE A 90 4.05 14.93 3.86
C ILE A 90 4.17 13.45 3.50
N ASP A 91 5.38 13.00 3.19
CA ASP A 91 5.68 11.56 3.12
C ASP A 91 5.76 11.02 4.55
N LEU A 92 4.61 10.73 5.14
CA LEU A 92 4.58 10.29 6.54
C LEU A 92 4.56 8.76 6.51
N SER A 93 5.65 8.19 7.02
CA SER A 93 5.78 6.75 7.04
C SER A 93 4.85 6.10 8.04
N THR A 94 4.33 4.94 7.67
CA THR A 94 3.45 4.16 8.53
C THR A 94 4.25 3.30 9.51
N ASN A 95 4.00 3.49 10.81
CA ASN A 95 4.56 2.60 11.81
C ASN A 95 3.59 2.44 12.97
N SER A 96 3.77 1.37 13.73
N SER A 96 3.77 1.37 13.73
CA SER A 96 2.83 1.00 14.77
CA SER A 96 2.81 1.01 14.77
C SER A 96 2.82 1.99 15.92
C SER A 96 2.82 1.97 15.95
N ALA A 97 3.97 2.58 16.24
CA ALA A 97 4.02 3.56 17.30
C ALA A 97 3.10 4.72 16.97
N ARG A 98 3.23 5.26 15.76
CA ARG A 98 2.38 6.37 15.35
C ARG A 98 0.91 5.95 15.28
N LYS A 99 0.65 4.73 14.81
N LYS A 99 0.62 4.74 14.80
CA LYS A 99 -0.71 4.23 14.70
CA LYS A 99 -0.76 4.30 14.65
C LYS A 99 -1.41 4.16 16.07
C LYS A 99 -1.50 4.18 15.99
N SER A 100 -0.64 3.99 17.15
N SER A 100 -0.76 3.99 17.09
CA SER A 100 -1.22 3.97 18.48
CA SER A 100 -1.37 3.98 18.41
C SER A 100 -1.77 5.34 18.89
C SER A 100 -1.95 5.36 18.73
N ALA A 101 -1.29 6.41 18.24
CA ALA A 101 -1.70 7.79 18.55
C ALA A 101 -2.55 8.53 17.50
N ILE A 102 -2.33 8.20 16.24
CA ILE A 102 -2.98 8.90 15.11
C ILE A 102 -3.46 7.87 14.09
N ASP A 103 -4.28 8.34 13.16
CA ASP A 103 -4.67 7.55 12.00
C ASP A 103 -3.85 7.98 10.80
N TYR A 104 -3.90 7.13 9.76
CA TYR A 104 -3.30 7.40 8.47
C TYR A 104 -4.38 7.43 7.40
N SER A 105 -4.15 8.24 6.38
CA SER A 105 -4.96 8.19 5.19
C SER A 105 -4.66 6.93 4.40
N PHE A 106 -5.44 6.72 3.35
CA PHE A 106 -5.08 5.77 2.33
C PHE A 106 -3.67 6.08 1.85
N PRO A 107 -2.84 5.04 1.67
CA PRO A 107 -1.46 5.37 1.33
C PRO A 107 -1.24 5.71 -0.13
N PHE A 108 -0.15 6.40 -0.44
CA PHE A 108 0.16 6.74 -1.82
C PHE A 108 1.49 6.22 -2.36
N MET A 109 2.27 5.50 -1.56
CA MET A 109 3.59 5.01 -1.99
C MET A 109 4.21 4.00 -1.02
N ASP A 110 4.64 2.86 -1.54
CA ASP A 110 5.41 1.87 -0.79
C ASP A 110 6.82 2.42 -0.59
N ALA A 111 7.43 2.09 0.55
CA ALA A 111 8.80 2.51 0.85
C ALA A 111 9.45 1.45 1.75
N GLY A 112 10.77 1.40 1.73
CA GLY A 112 11.53 0.53 2.58
C GLY A 112 12.68 1.28 3.23
N ILE A 113 13.32 0.65 4.20
CA ILE A 113 14.56 1.17 4.80
C ILE A 113 15.74 0.79 3.91
N LYS A 114 16.61 1.77 3.65
CA LYS A 114 17.75 1.60 2.76
C LYS A 114 18.96 2.21 3.45
N ALA A 115 20.09 1.54 3.34
CA ALA A 115 21.35 2.04 3.89
C ALA A 115 22.30 2.34 2.76
N VAL A 116 23.01 3.44 2.88
CA VAL A 116 23.95 3.87 1.84
C VAL A 116 25.28 4.31 2.43
N VAL A 117 26.32 4.27 1.61
CA VAL A 117 27.66 4.64 2.05
C VAL A 117 28.43 5.24 0.88
N LYS A 118 29.36 6.15 1.17
CA LYS A 118 30.19 6.76 0.12
C LYS A 118 31.45 5.94 -0.06
N GLY A 119 31.91 5.88 -1.30
CA GLY A 119 33.10 5.12 -1.61
C GLY A 119 32.70 3.79 -2.20
N GLU A 120 33.16 3.56 -3.42
CA GLU A 120 32.91 2.31 -4.12
C GLU A 120 33.51 1.16 -3.34
N GLY A 121 32.91 -0.02 -3.51
CA GLY A 121 33.48 -1.24 -3.01
C GLY A 121 33.49 -1.33 -1.50
N THR A 122 32.40 -0.92 -0.88
CA THR A 122 32.28 -1.08 0.56
C THR A 122 32.34 -2.56 0.87
N THR A 123 32.88 -2.89 2.04
CA THR A 123 33.04 -4.27 2.47
C THR A 123 31.81 -4.76 3.24
N LEU A 124 30.88 -3.85 3.53
CA LEU A 124 29.67 -4.16 4.28
C LEU A 124 28.65 -4.87 3.39
N ASN A 125 28.03 -5.91 3.94
CA ASN A 125 26.98 -6.64 3.23
C ASN A 125 25.61 -6.45 3.86
N GLN A 126 25.57 -6.22 5.17
CA GLN A 126 24.30 -6.00 5.86
C GLN A 126 24.58 -5.08 7.04
N VAL A 127 23.63 -4.22 7.38
CA VAL A 127 23.89 -3.16 8.37
C VAL A 127 24.30 -3.69 9.75
N LEU A 128 23.80 -4.85 10.16
CA LEU A 128 24.17 -5.33 11.52
C LEU A 128 25.67 -5.63 11.63
N GLU A 129 26.34 -5.84 10.50
CA GLU A 129 27.78 -6.09 10.51
C GLU A 129 28.55 -4.88 11.03
N LEU A 130 27.93 -3.71 10.98
CA LEU A 130 28.54 -2.49 11.49
C LEU A 130 28.94 -2.64 12.97
N LEU A 131 28.20 -3.46 13.70
CA LEU A 131 28.44 -3.63 15.13
C LEU A 131 29.75 -4.33 15.42
N ASP A 132 30.31 -4.98 14.40
CA ASP A 132 31.46 -5.86 14.58
C ASP A 132 32.72 -5.27 13.93
N GLN A 133 32.78 -3.94 13.85
CA GLN A 133 33.89 -3.27 13.17
C GLN A 133 33.94 -1.82 13.62
N ASP A 134 35.01 -1.11 13.26
CA ASP A 134 35.08 0.32 13.55
C ASP A 134 35.77 1.13 12.45
N LYS A 135 35.79 0.60 11.23
CA LYS A 135 36.20 1.39 10.08
C LYS A 135 35.12 2.44 9.78
N TYR A 136 33.85 1.99 9.73
CA TYR A 136 32.74 2.87 9.41
C TYR A 136 31.98 3.29 10.65
N LYS A 137 31.59 4.56 10.68
CA LYS A 137 30.54 5.03 11.58
C LYS A 137 29.20 4.92 10.85
N TRP A 138 28.12 5.20 11.55
CA TRP A 138 26.79 5.10 10.94
C TRP A 138 25.79 5.88 11.76
N GLY A 139 24.59 6.06 11.24
CA GLY A 139 23.59 6.79 12.00
C GLY A 139 22.25 6.89 11.33
N VAL A 140 21.27 7.34 12.12
CA VAL A 140 19.93 7.64 11.64
C VAL A 140 19.55 9.01 12.17
N ILE A 141 18.58 9.63 11.52
CA ILE A 141 18.07 10.91 11.99
C ILE A 141 17.14 10.72 13.19
N GLY A 142 17.35 11.52 14.24
CA GLY A 142 16.52 11.43 15.43
C GLY A 142 15.09 11.83 15.18
N SER A 143 14.17 11.17 15.87
CA SER A 143 12.73 11.49 15.83
C SER A 143 12.17 11.41 14.43
N ARG A 144 12.49 10.31 13.76
CA ARG A 144 12.08 10.06 12.39
C ARG A 144 11.84 8.56 12.27
N HIS A 145 11.14 8.15 11.22
CA HIS A 145 10.64 6.79 11.11
C HIS A 145 11.71 5.69 11.13
N PRO A 146 12.80 5.83 10.38
CA PRO A 146 13.77 4.73 10.42
C PRO A 146 14.29 4.46 11.82
N GLU A 147 14.55 5.51 12.57
CA GLU A 147 14.97 5.33 13.96
C GLU A 147 13.97 4.52 14.76
N THR A 148 12.70 4.85 14.58
CA THR A 148 11.62 4.19 15.27
C THR A 148 11.52 2.72 14.89
N LEU A 149 11.62 2.41 13.59
CA LEU A 149 11.55 1.01 13.18
C LEU A 149 12.72 0.20 13.68
N LEU A 150 13.92 0.74 13.65
CA LEU A 150 15.08 0.01 14.14
C LEU A 150 14.95 -0.18 15.67
N LYS A 151 14.47 0.83 16.39
CA LYS A 151 14.32 0.72 17.85
C LYS A 151 13.22 -0.24 18.27
N THR A 152 12.21 -0.44 17.42
CA THR A 152 11.09 -1.32 17.77
C THR A 152 11.23 -2.72 17.15
N HIS A 153 12.25 -2.95 16.30
CA HIS A 153 12.52 -4.23 15.67
C HIS A 153 12.68 -5.32 16.72
N ARG A 154 12.14 -6.50 16.42
CA ARG A 154 12.22 -7.65 17.32
C ARG A 154 13.66 -8.00 17.69
N ASP A 155 14.55 -7.85 16.74
CA ASP A 155 15.96 -8.14 16.91
C ASP A 155 16.59 -6.88 17.49
N SER A 156 16.92 -6.95 18.78
CA SER A 156 17.43 -5.78 19.50
C SER A 156 18.81 -5.36 19.06
N ARG A 157 19.47 -6.13 18.20
CA ARG A 157 20.70 -5.63 17.60
C ARG A 157 20.42 -4.38 16.77
N TYR A 158 19.20 -4.22 16.27
CA TYR A 158 18.85 -2.99 15.55
C TYR A 158 18.77 -1.78 16.49
N SER A 159 18.34 -2.00 17.72
N SER A 159 18.28 -2.00 17.70
CA SER A 159 18.35 -0.94 18.72
CA SER A 159 18.35 -0.97 18.73
C SER A 159 19.79 -0.61 19.14
C SER A 159 19.80 -0.59 19.03
N ARG A 160 20.69 -1.58 19.08
CA ARG A 160 22.12 -1.30 19.25
C ARG A 160 22.63 -0.37 18.16
N LEU A 161 22.23 -0.60 16.92
CA LEU A 161 22.70 0.23 15.83
C LEU A 161 22.33 1.66 16.10
N VAL A 162 21.09 1.88 16.51
CA VAL A 162 20.63 3.24 16.78
C VAL A 162 21.37 3.83 17.98
N ASP A 163 21.43 3.08 19.08
CA ASP A 163 22.03 3.60 20.31
C ASP A 163 23.52 3.90 20.19
N GLU A 164 24.21 3.12 19.36
CA GLU A 164 25.67 3.21 19.23
C GLU A 164 26.09 4.02 18.01
N GLY A 165 25.13 4.47 17.21
CA GLY A 165 25.40 5.31 16.08
C GLY A 165 25.28 6.78 16.38
N VAL A 166 25.45 7.59 15.35
CA VAL A 166 25.36 9.04 15.45
C VAL A 166 23.89 9.43 15.35
N GLU A 167 23.43 10.34 16.22
CA GLU A 167 22.09 10.88 16.07
C GLU A 167 22.20 12.09 15.16
N LEU A 168 21.59 11.99 13.99
CA LEU A 168 21.69 13.05 12.99
C LEU A 168 20.52 14.01 13.15
N LYS A 169 20.75 15.30 12.92
CA LYS A 169 19.74 16.32 13.19
C LYS A 169 18.59 16.25 12.17
N ASP A 170 18.95 16.07 10.91
CA ASP A 170 18.00 16.22 9.82
C ASP A 170 18.62 15.69 8.54
N LEU A 171 17.86 15.73 7.45
CA LEU A 171 18.32 15.11 6.21
C LEU A 171 19.58 15.79 5.65
N ASN A 172 19.65 17.11 5.75
CA ASN A 172 20.82 17.81 5.25
C ASN A 172 22.08 17.39 6.02
N HIS A 173 21.96 17.30 7.35
CA HIS A 173 23.08 16.92 8.19
C HIS A 173 23.52 15.51 7.83
N ALA A 174 22.55 14.64 7.63
CA ALA A 174 22.82 13.24 7.31
C ALA A 174 23.55 13.08 5.99
N ILE A 175 23.08 13.78 4.97
CA ILE A 175 23.71 13.68 3.64
C ILE A 175 25.12 14.29 3.67
N GLU A 176 25.26 15.37 4.43
CA GLU A 176 26.54 16.01 4.65
C GLU A 176 27.52 15.00 5.25
N THR A 177 27.05 14.27 6.27
CA THR A 177 27.91 13.31 6.97
C THR A 177 28.25 12.12 6.07
N LEU A 178 27.25 11.64 5.34
CA LEU A 178 27.44 10.62 4.33
C LEU A 178 28.51 11.01 3.32
N ARG A 179 28.37 12.20 2.78
CA ARG A 179 29.31 12.68 1.77
C ARG A 179 30.73 12.87 2.33
N GLY A 180 30.84 13.03 3.64
CA GLY A 180 32.11 13.13 4.33
C GLY A 180 32.89 11.82 4.39
N GLY A 181 32.22 10.71 4.06
CA GLY A 181 32.88 9.42 3.97
C GLY A 181 32.91 8.57 5.23
N LEU A 182 33.21 7.28 5.03
CA LEU A 182 33.32 6.31 6.12
C LEU A 182 32.11 6.30 7.03
N PHE A 183 30.93 6.45 6.42
CA PHE A 183 29.71 6.62 7.17
C PHE A 183 28.53 6.00 6.44
N VAL A 184 27.82 5.10 7.14
CA VAL A 184 26.63 4.47 6.59
C VAL A 184 25.40 5.18 7.13
N PHE A 185 24.62 5.76 6.23
CA PHE A 185 23.39 6.47 6.59
C PHE A 185 22.23 5.53 6.30
N ILE A 186 21.38 5.31 7.29
CA ILE A 186 20.25 4.40 7.17
C ILE A 186 18.98 5.25 7.17
N ASP A 187 18.24 5.21 6.07
CA ASP A 187 17.02 6.02 5.95
C ASP A 187 16.03 5.35 4.99
N GLU A 188 15.29 6.14 4.20
CA GLU A 188 14.16 5.62 3.42
C GLU A 188 14.47 5.62 1.93
N GLY A 189 14.12 4.53 1.24
CA GLY A 189 14.44 4.37 -0.15
C GLY A 189 14.12 5.55 -1.05
N PRO A 190 12.85 6.02 -1.04
CA PRO A 190 12.51 7.06 -2.02
C PRO A 190 13.22 8.37 -1.76
N VAL A 191 13.45 8.67 -0.49
CA VAL A 191 14.13 9.91 -0.14
C VAL A 191 15.57 9.86 -0.61
N LEU A 192 16.21 8.71 -0.40
CA LEU A 192 17.61 8.54 -0.75
C LEU A 192 17.75 8.49 -2.26
N ALA A 193 16.80 7.85 -2.93
CA ALA A 193 16.85 7.73 -4.40
C ALA A 193 16.91 9.11 -5.03
N HIS A 194 16.02 9.98 -4.58
CA HIS A 194 15.94 11.33 -5.14
C HIS A 194 17.16 12.18 -4.78
N ASN A 195 17.53 12.18 -3.52
CA ASN A 195 18.49 13.16 -3.02
C ASN A 195 19.94 12.79 -3.31
N LEU A 196 20.19 11.55 -3.68
CA LEU A 196 21.54 11.07 -3.97
C LEU A 196 21.74 10.68 -5.43
N ILE A 197 20.83 11.11 -6.29
CA ILE A 197 20.86 10.75 -7.70
C ILE A 197 22.16 11.15 -8.39
N SER A 198 22.75 12.27 -7.97
CA SER A 198 23.98 12.79 -8.58
C SER A 198 25.23 12.34 -7.85
N ASP A 199 25.07 11.70 -6.70
CA ASP A 199 26.20 11.19 -5.93
C ASP A 199 26.64 9.85 -6.50
N CYS A 200 27.43 9.87 -7.55
CA CYS A 200 27.74 8.65 -8.27
C CYS A 200 28.75 7.77 -7.53
N ASP A 201 29.27 8.24 -6.40
CA ASP A 201 30.14 7.43 -5.56
C ASP A 201 29.48 6.99 -4.24
N VAL A 202 28.16 7.14 -4.15
CA VAL A 202 27.39 6.63 -3.02
C VAL A 202 26.70 5.33 -3.43
N PHE A 203 26.79 4.32 -2.57
CA PHE A 203 26.32 2.97 -2.89
C PHE A 203 25.48 2.35 -1.77
N SER A 204 24.62 1.40 -2.13
N SER A 204 24.64 1.39 -2.15
CA SER A 204 23.74 0.74 -1.18
CA SER A 204 23.76 0.71 -1.19
C SER A 204 24.48 -0.30 -0.32
C SER A 204 24.53 -0.27 -0.30
N VAL A 205 24.08 -0.41 0.94
CA VAL A 205 24.62 -1.41 1.86
C VAL A 205 23.52 -2.44 2.14
N GLY A 206 23.70 -3.64 1.61
CA GLY A 206 22.68 -4.66 1.73
C GLY A 206 21.46 -4.35 0.88
N GLU A 207 20.38 -5.08 1.12
CA GLU A 207 19.14 -4.85 0.41
C GLU A 207 18.23 -4.02 1.30
N GLU A 208 17.20 -3.43 0.69
CA GLU A 208 16.22 -2.72 1.48
C GLU A 208 15.53 -3.72 2.40
N PHE A 209 15.13 -3.26 3.57
CA PHE A 209 14.41 -4.10 4.52
C PHE A 209 13.32 -3.28 5.17
N GLN A 210 12.32 -3.99 5.72
CA GLN A 210 11.09 -3.40 6.24
C GLN A 210 10.19 -2.95 5.09
N SER A 211 8.89 -3.13 5.28
CA SER A 211 7.92 -2.76 4.28
C SER A 211 6.92 -1.81 4.92
N PHE A 212 6.80 -0.60 4.38
CA PHE A 212 5.84 0.35 4.90
C PHE A 212 5.32 1.27 3.79
N GLU A 213 4.50 2.23 4.17
CA GLU A 213 3.83 3.13 3.24
C GLU A 213 4.11 4.58 3.61
N TYR A 214 4.01 5.45 2.62
CA TYR A 214 3.80 6.86 2.88
C TYR A 214 2.32 7.18 2.74
N ALA A 215 1.83 7.96 3.69
CA ALA A 215 0.44 8.37 3.76
C ALA A 215 0.39 9.76 4.40
N PHE A 216 -0.80 10.34 4.49
CA PHE A 216 -1.01 11.52 5.30
C PHE A 216 -1.42 11.09 6.71
N GLY A 217 -1.16 11.94 7.69
CA GLY A 217 -1.57 11.69 9.05
C GLY A 217 -2.84 12.43 9.42
N LEU A 218 -3.75 11.75 10.12
CA LEU A 218 -5.02 12.34 10.49
C LEU A 218 -5.25 12.06 11.97
N PRO A 219 -5.86 13.01 12.68
CA PRO A 219 -6.21 12.70 14.06
C PRO A 219 -7.29 11.63 14.12
N LYS A 220 -7.28 10.85 15.19
CA LYS A 220 -8.34 9.86 15.37
C LYS A 220 -9.68 10.61 15.37
N ASP A 221 -10.70 9.98 14.79
CA ASP A 221 -12.03 10.59 14.68
C ASP A 221 -12.09 11.88 13.87
N SER A 222 -11.12 12.11 12.99
CA SER A 222 -11.23 13.23 12.06
C SER A 222 -12.49 13.12 11.20
N PRO A 223 -13.18 14.25 10.99
CA PRO A 223 -14.36 14.19 10.12
C PRO A 223 -14.00 14.17 8.63
N TYR A 224 -12.72 14.29 8.34
CA TYR A 224 -12.24 14.45 6.97
C TYR A 224 -11.62 13.17 6.40
N LYS A 225 -11.43 12.15 7.23
CA LYS A 225 -10.71 10.97 6.76
C LYS A 225 -11.35 10.29 5.54
N SER A 226 -12.66 10.08 5.58
N SER A 226 -12.66 10.11 5.58
CA SER A 226 -13.32 9.37 4.49
CA SER A 226 -13.35 9.37 4.51
C SER A 226 -13.03 10.06 3.16
C SER A 226 -13.18 10.05 3.15
N LEU A 227 -13.27 11.38 3.12
CA LEU A 227 -13.09 12.14 1.89
C LEU A 227 -11.64 12.18 1.42
N ILE A 228 -10.71 12.38 2.34
CA ILE A 228 -9.31 12.38 1.96
C ILE A 228 -8.91 11.00 1.42
N ASP A 229 -9.34 9.93 2.09
CA ASP A 229 -9.01 8.58 1.63
C ASP A 229 -9.56 8.32 0.22
N SER A 230 -10.81 8.70 -0.02
N SER A 230 -10.81 8.68 0.01
CA SER A 230 -11.40 8.40 -1.32
CA SER A 230 -11.45 8.46 -1.29
C SER A 230 -10.75 9.22 -2.43
C SER A 230 -10.66 9.17 -2.37
N HIS A 231 -10.34 10.45 -2.14
CA HIS A 231 -9.67 11.24 -3.16
C HIS A 231 -8.23 10.79 -3.38
N LEU A 232 -7.52 10.37 -2.35
CA LEU A 232 -6.20 9.81 -2.55
C LEU A 232 -6.22 8.50 -3.33
N LEU A 233 -7.21 7.64 -3.08
N LEU A 233 -7.21 7.65 -3.07
CA LEU A 233 -7.33 6.41 -3.86
CA LEU A 233 -7.40 6.44 -3.84
C LEU A 233 -7.61 6.74 -5.33
C LEU A 233 -7.55 6.79 -5.32
N LYS A 234 -8.46 7.72 -5.60
CA LYS A 234 -8.75 8.14 -6.96
C LYS A 234 -7.47 8.69 -7.64
N PHE A 235 -6.67 9.46 -6.91
CA PHE A 235 -5.39 9.94 -7.47
C PHE A 235 -4.53 8.75 -7.89
N ARG A 236 -4.46 7.72 -7.08
CA ARG A 236 -3.60 6.56 -7.41
C ARG A 236 -4.17 5.85 -8.67
N GLU A 237 -5.48 5.64 -8.64
CA GLU A 237 -6.16 4.90 -9.70
C GLU A 237 -6.06 5.62 -11.05
N GLU A 238 -6.12 6.93 -11.02
CA GLU A 238 -6.06 7.73 -12.26
C GLU A 238 -4.65 7.92 -12.77
N GLY A 239 -3.66 7.48 -12.01
CA GLY A 239 -2.27 7.63 -12.40
C GLY A 239 -1.62 8.92 -11.96
N PHE A 240 -2.33 9.74 -11.20
CA PHE A 240 -1.83 11.04 -10.80
C PHE A 240 -0.59 10.92 -9.91
N ILE A 241 -0.61 9.99 -8.96
CA ILE A 241 0.55 9.82 -8.09
C ILE A 241 1.79 9.49 -8.91
N ASP A 242 1.66 8.58 -9.88
CA ASP A 242 2.81 8.18 -10.68
C ASP A 242 3.31 9.35 -11.54
N ILE A 243 2.38 10.13 -12.07
CA ILE A 243 2.75 11.30 -12.87
C ILE A 243 3.50 12.30 -12.02
N LEU A 244 3.06 12.50 -10.79
CA LEU A 244 3.78 13.42 -9.91
C LEU A 244 5.16 12.90 -9.51
N TRP A 245 5.30 11.61 -9.26
CA TRP A 245 6.61 11.08 -8.94
C TRP A 245 7.56 11.29 -10.14
N GLU A 246 7.08 11.06 -11.36
CA GLU A 246 7.89 11.29 -12.55
C GLU A 246 8.27 12.76 -12.68
N LYS A 247 7.32 13.64 -12.37
CA LYS A 247 7.55 15.09 -12.42
C LYS A 247 8.64 15.55 -11.46
N TRP A 248 8.57 15.06 -10.23
CA TRP A 248 9.38 15.61 -9.15
C TRP A 248 10.66 14.85 -8.83
N SER A 249 10.72 13.57 -9.09
CA SER A 249 11.88 12.80 -8.67
C SER A 249 12.85 12.85 -9.82
N SER A 250 14.14 12.92 -9.53
CA SER A 250 15.12 12.91 -10.59
C SER A 250 15.22 11.50 -11.18
N GLY A 251 15.62 11.35 -12.44
CA GLY A 251 15.96 12.46 -13.32
C GLY A 251 17.00 12.04 -14.35
N GLY B 1 -14.84 3.32 19.14
CA GLY B 1 -14.08 3.70 20.36
C GLY B 1 -14.19 2.68 21.47
N SER B 2 -15.40 2.56 22.03
CA SER B 2 -15.63 1.66 23.16
C SER B 2 -15.71 0.20 22.71
N LYS B 3 -16.42 -0.07 21.62
CA LYS B 3 -16.57 -1.42 21.11
C LYS B 3 -15.22 -2.01 20.69
N ASN B 4 -14.99 -3.28 21.04
CA ASN B 4 -13.84 -4.04 20.54
C ASN B 4 -14.33 -5.39 20.04
N LEU B 5 -13.41 -6.30 19.71
CA LEU B 5 -13.80 -7.56 19.10
C LEU B 5 -13.90 -8.77 20.05
N ILE B 6 -13.62 -8.55 21.33
CA ILE B 6 -13.59 -9.67 22.27
C ILE B 6 -14.99 -10.28 22.44
N GLY B 7 -15.09 -11.58 22.17
CA GLY B 7 -16.37 -12.29 22.24
C GLY B 7 -17.25 -12.17 21.00
N ARG B 8 -16.88 -11.29 20.06
CA ARG B 8 -17.69 -11.12 18.86
C ARG B 8 -17.56 -12.35 17.96
N HIS B 9 -18.59 -12.60 17.15
CA HIS B 9 -18.54 -13.64 16.14
C HIS B 9 -18.64 -12.96 14.78
N LEU B 10 -17.55 -12.96 14.04
CA LEU B 10 -17.49 -12.29 12.75
C LEU B 10 -17.88 -13.24 11.61
N ARG B 11 -18.67 -12.73 10.67
CA ARG B 11 -18.95 -13.42 9.43
C ARG B 11 -18.04 -12.80 8.36
N LEU B 12 -17.18 -13.61 7.77
CA LEU B 12 -16.14 -13.12 6.87
C LEU B 12 -16.45 -13.56 5.45
N GLY B 13 -16.54 -12.60 4.55
CA GLY B 13 -16.75 -12.94 3.15
C GLY B 13 -15.47 -13.41 2.53
N SER B 14 -15.53 -14.51 1.78
CA SER B 14 -14.37 -14.99 1.07
C SER B 14 -14.79 -15.95 -0.03
N VAL B 15 -13.84 -16.25 -0.91
CA VAL B 15 -13.97 -17.28 -1.94
C VAL B 15 -12.58 -17.87 -2.14
N GLU B 16 -12.49 -19.02 -2.77
CA GLU B 16 -11.18 -19.53 -3.16
C GLU B 16 -10.53 -18.61 -4.17
N GLU B 17 -9.25 -18.31 -3.93
CA GLU B 17 -8.42 -17.58 -4.85
C GLU B 17 -6.99 -17.88 -4.39
N GLN B 18 -6.37 -18.87 -5.02
CA GLN B 18 -5.07 -19.35 -4.59
C GLN B 18 -4.04 -18.29 -4.97
N PRO B 19 -3.05 -18.02 -4.08
CA PRO B 19 -2.73 -18.71 -2.83
C PRO B 19 -3.28 -18.02 -1.59
N PHE B 20 -4.17 -17.06 -1.79
CA PHE B 20 -4.78 -16.33 -0.68
C PHE B 20 -5.74 -17.19 0.11
N MET B 21 -6.57 -17.94 -0.61
CA MET B 21 -7.52 -18.85 0.01
C MET B 21 -7.70 -20.08 -0.86
N PHE B 22 -7.74 -21.21 -0.18
CA PHE B 22 -8.04 -22.53 -0.74
C PHE B 22 -9.28 -23.00 0.00
N PHE B 23 -10.27 -23.53 -0.71
CA PHE B 23 -11.51 -23.99 -0.11
C PHE B 23 -11.71 -25.45 -0.49
N ALA B 24 -11.71 -26.33 0.50
CA ALA B 24 -11.97 -27.75 0.29
C ALA B 24 -13.46 -27.97 0.22
N THR B 25 -13.89 -28.78 -0.74
CA THR B 25 -15.31 -28.97 -1.02
C THR B 25 -15.86 -30.26 -0.43
N GLU B 26 -14.99 -31.03 0.23
CA GLU B 26 -15.38 -32.28 0.88
C GLU B 26 -14.37 -32.57 1.98
N GLY B 27 -14.75 -33.44 2.92
CA GLY B 27 -13.81 -33.96 3.91
C GLY B 27 -13.41 -32.95 4.97
N CYS B 28 -14.30 -32.01 5.24
CA CYS B 28 -14.02 -30.93 6.19
C CYS B 28 -15.35 -30.31 6.60
N GLU B 29 -15.31 -29.53 7.67
CA GLU B 29 -16.48 -28.79 8.12
C GLU B 29 -16.04 -27.42 8.59
N GLY B 30 -16.88 -26.43 8.32
CA GLY B 30 -16.67 -25.09 8.87
C GLY B 30 -15.34 -24.49 8.48
N ASN B 31 -14.67 -23.86 9.44
CA ASN B 31 -13.46 -23.12 9.14
C ASN B 31 -12.33 -24.02 8.63
N ASP B 32 -12.37 -25.31 9.00
CA ASP B 32 -11.34 -26.27 8.59
C ASP B 32 -11.29 -26.48 7.10
N CYS B 33 -12.35 -26.07 6.40
CA CYS B 33 -12.35 -26.18 4.94
C CYS B 33 -11.45 -25.15 4.28
N TRP B 34 -11.01 -24.16 5.05
CA TRP B 34 -10.28 -23.03 4.48
C TRP B 34 -8.82 -23.05 4.89
N SER B 35 -7.97 -22.63 3.97
CA SER B 35 -6.53 -22.51 4.23
C SER B 35 -5.95 -21.48 3.27
N GLY B 36 -4.72 -21.03 3.54
CA GLY B 36 -4.06 -20.06 2.69
C GLY B 36 -3.51 -18.88 3.43
N MET B 37 -2.90 -17.97 2.69
CA MET B 37 -2.32 -16.77 3.29
C MET B 37 -3.36 -15.97 4.08
N VAL B 38 -4.50 -15.70 3.47
CA VAL B 38 -5.51 -14.90 4.16
C VAL B 38 -6.07 -15.66 5.36
N ASN B 39 -6.29 -16.96 5.23
CA ASN B 39 -6.74 -17.72 6.38
C ASN B 39 -5.73 -17.61 7.54
N ASP B 40 -4.44 -17.69 7.24
CA ASP B 40 -3.44 -17.55 8.30
C ASP B 40 -3.53 -16.17 8.97
N MET B 41 -3.78 -15.13 8.17
CA MET B 41 -3.96 -13.80 8.74
C MET B 41 -5.18 -13.74 9.64
N VAL B 42 -6.30 -14.32 9.21
CA VAL B 42 -7.53 -14.32 10.00
C VAL B 42 -7.36 -15.08 11.30
N VAL B 43 -6.71 -16.24 11.24
CA VAL B 43 -6.46 -17.04 12.45
C VAL B 43 -5.69 -16.22 13.46
N LYS B 44 -4.61 -15.55 13.02
CA LYS B 44 -3.83 -14.74 13.95
C LYS B 44 -4.66 -13.57 14.50
N LEU B 45 -5.41 -12.90 13.64
CA LEU B 45 -6.28 -11.82 14.11
C LEU B 45 -7.26 -12.32 15.16
N SER B 46 -7.85 -13.49 14.92
N SER B 46 -7.85 -13.49 14.90
CA SER B 46 -8.83 -14.02 15.86
CA SER B 46 -8.82 -14.08 15.83
C SER B 46 -8.19 -14.31 17.21
C SER B 46 -8.20 -14.33 17.20
N GLU B 47 -6.96 -14.82 17.20
CA GLU B 47 -6.25 -15.13 18.45
C GLU B 47 -5.93 -13.88 19.23
N ASP B 48 -5.47 -12.86 18.54
CA ASP B 48 -5.03 -11.64 19.19
C ASP B 48 -6.19 -10.74 19.60
N LEU B 49 -7.29 -10.77 18.86
CA LEU B 49 -8.39 -9.83 19.11
C LEU B 49 -9.58 -10.47 19.82
N GLY B 50 -9.57 -11.80 19.93
CA GLY B 50 -10.55 -12.51 20.73
C GLY B 50 -11.92 -12.79 20.09
N PHE B 51 -12.00 -12.76 18.77
CA PHE B 51 -13.25 -13.10 18.11
C PHE B 51 -13.27 -14.52 17.58
N THR B 52 -14.47 -15.04 17.41
CA THR B 52 -14.67 -16.26 16.62
C THR B 52 -15.16 -15.83 15.25
N TYR B 53 -15.15 -16.75 14.27
CA TYR B 53 -15.54 -16.37 12.92
C TYR B 53 -16.03 -17.56 12.15
N GLU B 54 -16.67 -17.25 11.02
CA GLU B 54 -17.00 -18.21 9.98
C GLU B 54 -16.83 -17.49 8.66
N TYR B 55 -16.65 -18.27 7.59
CA TYR B 55 -16.57 -17.73 6.25
C TYR B 55 -17.87 -17.95 5.49
N ILE B 56 -18.30 -16.93 4.78
CA ILE B 56 -19.51 -16.98 3.98
C ILE B 56 -19.19 -16.57 2.55
N GLN B 57 -19.49 -17.46 1.61
CA GLN B 57 -19.23 -17.21 0.17
C GLN B 57 -20.49 -16.67 -0.47
N PRO B 58 -20.34 -15.73 -1.40
CA PRO B 58 -21.51 -15.25 -2.14
C PRO B 58 -22.01 -16.35 -3.05
N ASP B 59 -23.33 -16.47 -3.14
CA ASP B 59 -23.91 -17.47 -3.99
C ASP B 59 -23.48 -17.29 -5.45
N ASP B 60 -23.26 -16.04 -5.86
CA ASP B 60 -22.90 -15.77 -7.25
C ASP B 60 -21.40 -16.01 -7.55
N ARG B 61 -20.62 -16.30 -6.50
CA ARG B 61 -19.18 -16.59 -6.53
C ARG B 61 -18.38 -15.48 -7.22
N LYS B 62 -18.90 -14.26 -7.13
N LYS B 62 -18.89 -14.26 -7.10
CA LYS B 62 -18.22 -13.09 -7.69
CA LYS B 62 -18.23 -13.07 -7.66
C LYS B 62 -17.48 -12.31 -6.60
C LYS B 62 -17.52 -12.25 -6.60
N PHE B 63 -16.46 -11.55 -6.99
CA PHE B 63 -15.81 -10.63 -6.06
C PHE B 63 -16.71 -9.42 -5.83
N GLY B 64 -17.14 -8.77 -6.91
CA GLY B 64 -18.13 -7.72 -6.81
C GLY B 64 -17.84 -6.50 -7.65
N ALA B 65 -18.87 -6.06 -8.35
CA ALA B 65 -18.83 -4.84 -9.13
C ALA B 65 -20.21 -4.20 -9.13
N LEU B 66 -20.23 -2.94 -9.54
CA LEU B 66 -21.44 -2.14 -9.60
C LEU B 66 -22.01 -2.22 -11.02
N ASN B 67 -23.27 -2.63 -11.11
CA ASN B 67 -23.97 -2.68 -12.39
C ASN B 67 -24.51 -1.29 -12.64
N LYS B 68 -24.11 -0.68 -13.75
CA LYS B 68 -24.53 0.69 -14.04
C LYS B 68 -25.97 0.78 -14.55
N THR B 69 -26.56 -0.34 -14.93
CA THR B 69 -27.96 -0.34 -15.33
C THR B 69 -28.87 -0.33 -14.09
N THR B 70 -28.55 -1.16 -13.11
CA THR B 70 -29.41 -1.36 -11.95
C THR B 70 -28.95 -0.57 -10.73
N ASN B 71 -27.71 -0.08 -10.77
CA ASN B 71 -27.07 0.58 -9.64
C ASN B 71 -26.97 -0.33 -8.40
N GLU B 72 -26.89 -1.64 -8.65
CA GLU B 72 -26.72 -2.60 -7.58
C GLU B 72 -25.39 -3.31 -7.69
N TRP B 73 -24.89 -3.69 -6.53
CA TRP B 73 -23.68 -4.48 -6.38
C TRP B 73 -23.96 -5.97 -6.41
N ASN B 74 -22.91 -6.74 -6.62
CA ASN B 74 -22.97 -8.19 -6.53
C ASN B 74 -21.76 -8.72 -5.78
N GLY B 75 -21.64 -10.04 -5.72
CA GLY B 75 -20.48 -10.64 -5.11
C GLY B 75 -20.32 -10.42 -3.62
N MET B 76 -19.08 -10.54 -3.17
CA MET B 76 -18.74 -10.32 -1.77
C MET B 76 -19.09 -8.90 -1.34
N ILE B 77 -18.94 -7.94 -2.24
CA ILE B 77 -19.28 -6.55 -1.92
C ILE B 77 -20.75 -6.47 -1.53
N ARG B 78 -21.64 -7.05 -2.34
CA ARG B 78 -23.05 -7.03 -2.02
C ARG B 78 -23.38 -7.73 -0.72
N ASP B 79 -22.73 -8.85 -0.44
CA ASP B 79 -22.99 -9.57 0.82
C ASP B 79 -22.61 -8.67 2.01
N LEU B 80 -21.51 -7.93 1.89
CA LEU B 80 -21.09 -7.01 2.95
C LEU B 80 -22.12 -5.90 3.12
N LEU B 81 -22.55 -5.29 2.01
CA LEU B 81 -23.54 -4.22 2.08
C LEU B 81 -24.86 -4.67 2.67
N ASP B 82 -25.19 -5.94 2.45
CA ASP B 82 -26.45 -6.53 2.92
C ASP B 82 -26.35 -7.09 4.35
N ASP B 83 -25.20 -6.88 5.00
CA ASP B 83 -24.97 -7.32 6.39
C ASP B 83 -24.97 -8.83 6.52
N LYS B 84 -24.69 -9.54 5.44
CA LYS B 84 -24.45 -10.97 5.53
C LYS B 84 -23.07 -11.24 6.09
N THR B 85 -22.16 -10.28 5.89
CA THR B 85 -20.79 -10.37 6.39
C THR B 85 -20.39 -9.07 7.06
N ASP B 86 -19.32 -9.14 7.86
CA ASP B 86 -18.77 -8.02 8.60
C ASP B 86 -17.49 -7.49 8.01
N MET B 87 -16.80 -8.34 7.27
CA MET B 87 -15.51 -8.00 6.68
C MET B 87 -15.31 -8.96 5.52
N ILE B 88 -14.68 -8.48 4.46
CA ILE B 88 -14.31 -9.31 3.31
C ILE B 88 -12.82 -9.66 3.49
N ALA B 89 -12.54 -10.93 3.75
CA ALA B 89 -11.21 -11.43 4.01
C ALA B 89 -10.72 -12.21 2.80
N ILE B 90 -10.04 -11.49 1.91
CA ILE B 90 -9.54 -12.03 0.65
C ILE B 90 -8.54 -11.04 0.09
N ASP B 91 -7.94 -11.35 -1.04
CA ASP B 91 -7.18 -10.34 -1.78
C ASP B 91 -8.18 -9.42 -2.45
N LEU B 92 -8.65 -8.42 -1.72
CA LEU B 92 -9.66 -7.53 -2.27
C LEU B 92 -8.99 -6.28 -2.79
N SER B 93 -9.08 -6.08 -4.12
CA SER B 93 -8.39 -4.96 -4.74
C SER B 93 -9.07 -3.66 -4.44
N THR B 94 -8.24 -2.62 -4.26
CA THR B 94 -8.74 -1.26 -4.02
C THR B 94 -9.10 -0.57 -5.34
N ASN B 95 -10.36 -0.17 -5.44
CA ASN B 95 -10.81 0.66 -6.57
C ASN B 95 -11.83 1.68 -6.13
N SER B 96 -11.94 2.76 -6.91
N SER B 96 -11.97 2.74 -6.93
CA SER B 96 -12.81 3.85 -6.53
CA SER B 96 -12.82 3.88 -6.55
C SER B 96 -14.28 3.48 -6.50
C SER B 96 -14.31 3.56 -6.57
N ALA B 97 -14.71 2.59 -7.40
CA ALA B 97 -16.10 2.18 -7.41
C ALA B 97 -16.47 1.54 -6.07
N ARG B 98 -15.64 0.61 -5.61
CA ARG B 98 -15.87 -0.03 -4.34
C ARG B 98 -15.80 0.95 -3.19
N LYS B 99 -14.84 1.88 -3.25
N LYS B 99 -14.86 1.89 -3.26
CA LYS B 99 -14.62 2.88 -2.21
CA LYS B 99 -14.66 2.84 -2.20
C LYS B 99 -15.86 3.75 -2.02
C LYS B 99 -15.88 3.72 -2.01
N SER B 100 -16.65 3.93 -3.08
CA SER B 100 -17.86 4.72 -2.95
C SER B 100 -18.90 4.02 -2.04
N ALA B 101 -18.79 2.70 -1.90
CA ALA B 101 -19.78 1.91 -1.15
C ALA B 101 -19.29 1.31 0.17
N ILE B 102 -18.02 0.94 0.22
CA ILE B 102 -17.42 0.28 1.38
C ILE B 102 -16.10 0.95 1.73
N ASP B 103 -15.56 0.61 2.89
CA ASP B 103 -14.22 1.02 3.27
C ASP B 103 -13.26 -0.15 3.06
N TYR B 104 -11.98 0.17 3.13
CA TYR B 104 -10.91 -0.80 3.09
C TYR B 104 -10.11 -0.74 4.37
N SER B 105 -9.59 -1.89 4.75
CA SER B 105 -8.59 -1.94 5.81
C SER B 105 -7.27 -1.32 5.32
N PHE B 106 -6.36 -1.15 6.26
CA PHE B 106 -4.96 -0.95 5.92
C PHE B 106 -4.53 -2.03 4.91
N PRO B 107 -3.77 -1.66 3.87
CA PRO B 107 -3.52 -2.67 2.84
C PRO B 107 -2.36 -3.58 3.20
N PHE B 108 -2.35 -4.76 2.62
CA PHE B 108 -1.30 -5.75 2.92
C PHE B 108 -0.37 -6.09 1.73
N MET B 109 -0.71 -5.63 0.53
CA MET B 109 0.09 -5.99 -0.66
C MET B 109 -0.17 -5.07 -1.85
N ASP B 110 0.89 -4.53 -2.46
CA ASP B 110 0.76 -3.80 -3.72
C ASP B 110 0.47 -4.79 -4.86
N ALA B 111 -0.33 -4.37 -5.84
CA ALA B 111 -0.62 -5.21 -6.99
C ALA B 111 -0.85 -4.34 -8.22
N GLY B 112 -0.68 -4.93 -9.41
CA GLY B 112 -0.99 -4.25 -10.64
C GLY B 112 -1.76 -5.16 -11.56
N ILE B 113 -2.28 -4.60 -12.64
CA ILE B 113 -2.93 -5.36 -13.70
C ILE B 113 -1.86 -5.95 -14.58
N LYS B 114 -2.01 -7.24 -14.89
CA LYS B 114 -1.06 -7.95 -15.74
C LYS B 114 -1.81 -8.70 -16.83
N ALA B 115 -1.32 -8.59 -18.07
CA ALA B 115 -1.89 -9.36 -19.18
C ALA B 115 -0.92 -10.43 -19.59
N VAL B 116 -1.44 -11.62 -19.83
CA VAL B 116 -0.63 -12.75 -20.28
C VAL B 116 -1.26 -13.37 -21.53
N VAL B 117 -0.44 -14.10 -22.28
CA VAL B 117 -0.84 -14.59 -23.60
C VAL B 117 -0.26 -15.98 -23.82
N LYS B 118 -1.06 -16.82 -24.47
CA LYS B 118 -0.57 -18.07 -24.98
C LYS B 118 -0.76 -18.04 -26.49
N GLY B 119 0.31 -18.35 -27.22
CA GLY B 119 0.24 -18.42 -28.67
C GLY B 119 1.61 -18.37 -29.30
N GLU B 120 1.79 -19.18 -30.34
CA GLU B 120 2.96 -19.12 -31.20
C GLU B 120 2.76 -18.04 -32.25
N GLY B 121 3.86 -17.64 -32.88
CA GLY B 121 3.79 -16.68 -33.95
C GLY B 121 3.86 -15.23 -33.48
N THR B 122 3.28 -14.32 -34.26
CA THR B 122 3.25 -12.93 -33.86
C THR B 122 2.56 -12.83 -32.51
N THR B 123 3.05 -11.89 -31.69
CA THR B 123 2.51 -11.70 -30.36
C THR B 123 2.19 -10.22 -30.19
N LEU B 124 1.85 -9.84 -28.98
CA LEU B 124 1.41 -8.48 -28.71
C LEU B 124 2.33 -7.81 -27.70
N ASN B 125 2.51 -6.50 -27.88
CA ASN B 125 3.32 -5.68 -26.97
C ASN B 125 2.52 -4.93 -25.91
N GLN B 126 1.24 -4.67 -26.19
CA GLN B 126 0.43 -3.86 -25.31
C GLN B 126 -1.02 -4.21 -25.56
N VAL B 127 -1.84 -4.25 -24.53
CA VAL B 127 -3.17 -4.83 -24.67
C VAL B 127 -4.08 -4.12 -25.66
N LEU B 128 -3.91 -2.82 -25.88
CA LEU B 128 -4.82 -2.13 -26.79
C LEU B 128 -4.62 -2.59 -28.23
N GLU B 129 -3.50 -3.24 -28.52
CA GLU B 129 -3.27 -3.82 -29.85
C GLU B 129 -4.30 -4.88 -30.20
N LEU B 130 -4.93 -5.47 -29.18
CA LEU B 130 -5.94 -6.47 -29.43
C LEU B 130 -7.08 -5.95 -30.29
N LEU B 131 -7.36 -4.66 -30.20
CA LEU B 131 -8.52 -4.07 -30.88
C LEU B 131 -8.37 -4.02 -32.39
N ASP B 132 -7.13 -4.14 -32.88
CA ASP B 132 -6.85 -3.96 -34.31
C ASP B 132 -6.37 -5.26 -34.97
N GLN B 133 -6.83 -6.39 -34.47
CA GLN B 133 -6.41 -7.69 -34.99
C GLN B 133 -7.47 -8.71 -34.66
N ASP B 134 -7.37 -9.90 -35.24
CA ASP B 134 -8.30 -10.97 -34.92
C ASP B 134 -7.64 -12.34 -34.73
N LYS B 135 -6.33 -12.35 -34.56
CA LYS B 135 -5.65 -13.60 -34.26
C LYS B 135 -5.97 -14.09 -32.86
N TYR B 136 -5.84 -13.18 -31.90
CA TYR B 136 -6.06 -13.48 -30.50
C TYR B 136 -7.44 -13.05 -30.08
N LYS B 137 -8.10 -13.91 -29.33
CA LYS B 137 -9.21 -13.53 -28.49
C LYS B 137 -8.68 -13.11 -27.10
N TRP B 138 -9.55 -12.54 -26.26
CA TRP B 138 -9.08 -12.03 -24.99
C TRP B 138 -10.26 -11.90 -24.04
N GLY B 139 -9.97 -11.67 -22.76
CA GLY B 139 -11.04 -11.50 -21.80
C GLY B 139 -10.58 -11.10 -20.42
N VAL B 140 -11.57 -10.67 -19.65
CA VAL B 140 -11.47 -10.41 -18.23
C VAL B 140 -12.62 -11.15 -17.56
N ILE B 141 -12.45 -11.44 -16.28
CA ILE B 141 -13.51 -12.06 -15.48
C ILE B 141 -14.57 -11.02 -15.12
N GLY B 142 -15.83 -11.36 -15.29
CA GLY B 142 -16.88 -10.43 -14.97
C GLY B 142 -17.00 -10.17 -13.48
N SER B 143 -17.33 -8.93 -13.14
CA SER B 143 -17.59 -8.52 -11.76
C SER B 143 -16.40 -8.72 -10.86
N ARG B 144 -15.23 -8.37 -11.37
N ARG B 144 -15.26 -8.28 -11.36
CA ARG B 144 -13.97 -8.50 -10.66
CA ARG B 144 -13.98 -8.48 -10.69
C ARG B 144 -13.16 -7.25 -10.96
C ARG B 144 -13.20 -7.19 -10.93
N HIS B 145 -12.16 -6.97 -10.15
CA HIS B 145 -11.45 -5.71 -10.20
C HIS B 145 -10.87 -5.30 -11.56
N PRO B 146 -10.17 -6.20 -12.24
CA PRO B 146 -9.59 -5.74 -13.52
C PRO B 146 -10.64 -5.21 -14.50
N GLU B 147 -11.77 -5.88 -14.62
CA GLU B 147 -12.87 -5.41 -15.44
C GLU B 147 -13.30 -4.00 -15.03
N THR B 148 -13.43 -3.78 -13.73
CA THR B 148 -13.84 -2.47 -13.24
C THR B 148 -12.81 -1.40 -13.60
N LEU B 149 -11.53 -1.69 -13.40
CA LEU B 149 -10.50 -0.68 -13.74
C LEU B 149 -10.48 -0.38 -15.24
N LEU B 150 -10.60 -1.40 -16.06
CA LEU B 150 -10.59 -1.17 -17.50
C LEU B 150 -11.85 -0.37 -17.91
N LYS B 151 -13.00 -0.67 -17.30
CA LYS B 151 -14.23 0.04 -17.63
C LYS B 151 -14.27 1.47 -17.14
N THR B 152 -13.53 1.79 -16.09
CA THR B 152 -13.57 3.14 -15.57
C THR B 152 -12.35 3.98 -16.04
N HIS B 153 -11.43 3.34 -16.76
CA HIS B 153 -10.22 4.01 -17.28
C HIS B 153 -10.65 5.17 -18.16
N ARG B 154 -9.95 6.28 -18.04
CA ARG B 154 -10.41 7.45 -18.78
C ARG B 154 -10.19 7.31 -20.29
N ASP B 155 -9.31 6.41 -20.72
CA ASP B 155 -9.17 6.05 -22.13
C ASP B 155 -10.19 4.96 -22.45
N SER B 156 -11.25 5.34 -23.15
N SER B 156 -11.27 5.32 -23.14
CA SER B 156 -12.38 4.42 -23.36
CA SER B 156 -12.37 4.38 -23.31
C SER B 156 -12.05 3.26 -24.26
C SER B 156 -12.06 3.25 -24.27
N ARG B 157 -10.87 3.25 -24.86
CA ARG B 157 -10.41 2.05 -25.55
C ARG B 157 -10.29 0.85 -24.61
N TYR B 158 -10.05 1.09 -23.31
CA TYR B 158 -10.00 0.00 -22.36
C TYR B 158 -11.40 -0.54 -22.09
N SER B 159 -12.42 0.31 -22.16
CA SER B 159 -13.79 -0.19 -22.11
C SER B 159 -14.10 -1.04 -23.35
N ARG B 160 -13.57 -0.65 -24.51
CA ARG B 160 -13.74 -1.49 -25.71
C ARG B 160 -13.18 -2.88 -25.47
N LEU B 161 -12.03 -2.98 -24.82
CA LEU B 161 -11.44 -4.29 -24.55
C LEU B 161 -12.37 -5.15 -23.76
N VAL B 162 -12.99 -4.57 -22.74
CA VAL B 162 -13.90 -5.33 -21.93
C VAL B 162 -15.12 -5.72 -22.73
N ASP B 163 -15.73 -4.75 -23.41
CA ASP B 163 -17.00 -4.96 -24.13
C ASP B 163 -16.86 -5.95 -25.29
N GLU B 164 -15.69 -5.97 -25.92
CA GLU B 164 -15.48 -6.80 -27.11
C GLU B 164 -14.74 -8.09 -26.80
N GLY B 165 -14.37 -8.30 -25.55
CA GLY B 165 -13.72 -9.54 -25.14
C GLY B 165 -14.72 -10.55 -24.66
N VAL B 166 -14.23 -11.73 -24.32
CA VAL B 166 -15.05 -12.78 -23.76
C VAL B 166 -15.28 -12.52 -22.27
N GLU B 167 -16.51 -12.66 -21.77
CA GLU B 167 -16.76 -12.51 -20.35
C GLU B 167 -16.53 -13.87 -19.72
N LEU B 168 -15.50 -13.91 -18.90
CA LEU B 168 -15.08 -15.13 -18.24
C LEU B 168 -15.77 -15.22 -16.87
N LYS B 169 -16.11 -16.42 -16.48
CA LYS B 169 -16.94 -16.63 -15.28
C LYS B 169 -16.21 -16.45 -13.97
N ASP B 170 -14.99 -16.99 -13.93
CA ASP B 170 -14.21 -17.05 -12.71
C ASP B 170 -12.79 -17.39 -13.08
N LEU B 171 -11.91 -17.44 -12.09
CA LEU B 171 -10.50 -17.68 -12.37
C LEU B 171 -10.23 -19.03 -13.05
N ASN B 172 -10.91 -20.10 -12.62
CA ASN B 172 -10.71 -21.41 -13.25
C ASN B 172 -11.05 -21.37 -14.75
N HIS B 173 -12.18 -20.73 -15.09
CA HIS B 173 -12.62 -20.63 -16.47
C HIS B 173 -11.64 -19.79 -17.27
N ALA B 174 -11.14 -18.72 -16.68
CA ALA B 174 -10.20 -17.83 -17.36
C ALA B 174 -8.91 -18.58 -17.66
N ILE B 175 -8.41 -19.32 -16.69
CA ILE B 175 -7.15 -20.05 -16.88
C ILE B 175 -7.35 -21.19 -17.89
N GLU B 176 -8.50 -21.87 -17.86
CA GLU B 176 -8.80 -22.90 -18.85
C GLU B 176 -8.83 -22.32 -20.28
N THR B 177 -9.45 -21.17 -20.42
CA THR B 177 -9.53 -20.52 -21.73
C THR B 177 -8.15 -20.08 -22.20
N LEU B 178 -7.38 -19.49 -21.31
CA LEU B 178 -6.00 -19.13 -21.61
C LEU B 178 -5.19 -20.34 -22.10
N ARG B 179 -5.27 -21.44 -21.36
CA ARG B 179 -4.56 -22.65 -21.73
C ARG B 179 -5.04 -23.24 -23.05
N GLY B 180 -6.26 -22.90 -23.46
CA GLY B 180 -6.74 -23.29 -24.78
C GLY B 180 -6.01 -22.64 -25.94
N GLY B 181 -5.29 -21.55 -25.67
CA GLY B 181 -4.45 -20.92 -26.67
C GLY B 181 -5.06 -19.76 -27.43
N LEU B 182 -4.17 -19.02 -28.10
CA LEU B 182 -4.52 -17.84 -28.89
C LEU B 182 -5.43 -16.92 -28.10
N PHE B 183 -5.01 -16.65 -26.86
CA PHE B 183 -5.86 -15.93 -25.91
C PHE B 183 -4.99 -15.05 -25.04
N VAL B 184 -5.51 -13.85 -24.76
CA VAL B 184 -4.92 -12.95 -23.78
C VAL B 184 -5.87 -12.81 -22.59
N PHE B 185 -5.36 -13.13 -21.41
CA PHE B 185 -6.11 -12.99 -20.16
C PHE B 185 -5.54 -11.80 -19.38
N ILE B 186 -6.40 -10.86 -19.03
CA ILE B 186 -5.99 -9.63 -18.33
C ILE B 186 -6.52 -9.74 -16.90
N ASP B 187 -5.60 -9.81 -15.95
CA ASP B 187 -6.00 -9.96 -14.53
C ASP B 187 -4.95 -9.29 -13.64
N GLU B 188 -4.61 -9.92 -12.51
CA GLU B 188 -3.79 -9.29 -11.48
C GLU B 188 -2.47 -10.00 -11.30
N GLY B 189 -1.41 -9.21 -11.17
CA GLY B 189 -0.07 -9.72 -11.07
C GLY B 189 0.12 -10.89 -10.12
N PRO B 190 -0.25 -10.71 -8.85
CA PRO B 190 0.12 -11.76 -7.90
C PRO B 190 -0.65 -13.05 -8.13
N VAL B 191 -1.88 -12.92 -8.57
CA VAL B 191 -2.71 -14.08 -8.84
C VAL B 191 -2.15 -14.86 -10.01
N LEU B 192 -1.78 -14.14 -11.06
CA LEU B 192 -1.22 -14.80 -12.23
C LEU B 192 0.14 -15.40 -11.94
N ALA B 193 0.96 -14.69 -11.17
CA ALA B 193 2.29 -15.18 -10.86
C ALA B 193 2.20 -16.52 -10.16
N HIS B 194 1.28 -16.64 -9.21
CA HIS B 194 1.17 -17.87 -8.47
C HIS B 194 0.58 -19.00 -9.33
N ASN B 195 -0.53 -18.70 -9.98
CA ASN B 195 -1.31 -19.73 -10.68
C ASN B 195 -0.77 -20.19 -12.02
N LEU B 196 0.11 -19.41 -12.62
CA LEU B 196 0.65 -19.77 -13.95
C LEU B 196 2.14 -20.08 -13.91
N ILE B 197 2.65 -20.40 -12.73
CA ILE B 197 4.07 -20.63 -12.55
C ILE B 197 4.62 -21.76 -13.41
N SER B 198 3.81 -22.78 -13.68
N SER B 198 3.81 -22.78 -13.69
CA SER B 198 4.26 -23.93 -14.45
CA SER B 198 4.25 -23.92 -14.47
C SER B 198 3.90 -23.84 -15.94
C SER B 198 3.67 -23.95 -15.88
N ASP B 199 3.15 -22.82 -16.33
CA ASP B 199 2.71 -22.66 -17.71
C ASP B 199 3.81 -22.02 -18.53
N CYS B 200 4.69 -22.85 -19.05
CA CYS B 200 5.88 -22.35 -19.70
C CYS B 200 5.57 -21.78 -21.07
N ASP B 201 4.37 -22.03 -21.57
CA ASP B 201 3.95 -21.49 -22.87
C ASP B 201 3.05 -20.26 -22.74
N VAL B 202 3.07 -19.65 -21.55
CA VAL B 202 2.34 -18.42 -21.31
C VAL B 202 3.35 -17.32 -21.04
N PHE B 203 3.16 -16.19 -21.72
CA PHE B 203 4.10 -15.08 -21.69
C PHE B 203 3.40 -13.76 -21.36
N SER B 204 4.17 -12.75 -21.02
CA SER B 204 3.61 -11.44 -20.72
C SER B 204 3.20 -10.66 -21.96
N VAL B 205 2.16 -9.84 -21.83
CA VAL B 205 1.86 -8.80 -22.83
C VAL B 205 2.19 -7.45 -22.21
N GLY B 206 3.36 -6.92 -22.54
CA GLY B 206 3.80 -5.65 -22.00
C GLY B 206 4.08 -5.71 -20.50
N GLU B 207 4.18 -4.54 -19.89
CA GLU B 207 4.43 -4.41 -18.46
C GLU B 207 3.13 -4.35 -17.68
N GLU B 208 3.20 -4.56 -16.38
CA GLU B 208 2.02 -4.35 -15.54
C GLU B 208 1.65 -2.89 -15.62
N PHE B 209 0.36 -2.60 -15.47
CA PHE B 209 -0.11 -1.22 -15.44
C PHE B 209 -1.20 -1.09 -14.39
N GLN B 210 -1.46 0.16 -13.98
CA GLN B 210 -2.35 0.47 -12.86
C GLN B 210 -1.69 0.07 -11.54
N SER B 211 -1.88 0.91 -10.54
CA SER B 211 -1.31 0.65 -9.23
C SER B 211 -2.43 0.60 -8.24
N PHE B 212 -2.52 -0.51 -7.48
CA PHE B 212 -3.54 -0.65 -6.45
C PHE B 212 -3.02 -1.56 -5.33
N GLU B 213 -3.90 -1.81 -4.36
CA GLU B 213 -3.58 -2.60 -3.17
C GLU B 213 -4.53 -3.74 -3.02
N TYR B 214 -4.08 -4.80 -2.36
CA TYR B 214 -4.98 -5.75 -1.71
C TYR B 214 -5.16 -5.35 -0.26
N ALA B 215 -6.42 -5.36 0.18
CA ALA B 215 -6.82 -5.05 1.53
C ALA B 215 -8.03 -5.91 1.88
N PHE B 216 -8.50 -5.81 3.12
CA PHE B 216 -9.77 -6.38 3.50
C PHE B 216 -10.87 -5.31 3.30
N GLY B 217 -12.09 -5.76 3.05
CA GLY B 217 -13.21 -4.86 2.93
C GLY B 217 -13.98 -4.75 4.21
N LEU B 218 -14.41 -3.54 4.52
CA LEU B 218 -15.15 -3.27 5.75
C LEU B 218 -16.33 -2.39 5.42
N PRO B 219 -17.46 -2.61 6.09
CA PRO B 219 -18.58 -1.71 5.83
C PRO B 219 -18.26 -0.31 6.39
N LYS B 220 -18.83 0.71 5.78
CA LYS B 220 -18.69 2.06 6.33
C LYS B 220 -19.26 2.04 7.74
N ASP B 221 -18.61 2.78 8.61
CA ASP B 221 -19.02 2.91 10.02
C ASP B 221 -18.79 1.66 10.86
N SER B 222 -18.00 0.70 10.37
CA SER B 222 -17.67 -0.49 11.15
C SER B 222 -16.96 -0.09 12.43
N PRO B 223 -17.39 -0.66 13.58
CA PRO B 223 -16.71 -0.37 14.83
C PRO B 223 -15.39 -1.10 14.96
N TYR B 224 -15.06 -1.96 13.99
CA TYR B 224 -13.89 -2.82 14.05
C TYR B 224 -12.73 -2.38 13.16
N LYS B 225 -12.93 -1.34 12.36
CA LYS B 225 -11.91 -0.90 11.40
C LYS B 225 -10.60 -0.48 12.07
N SER B 226 -10.68 0.30 13.13
N SER B 226 -10.68 0.29 13.14
CA SER B 226 -9.47 0.78 13.79
CA SER B 226 -9.46 0.78 13.79
C SER B 226 -8.59 -0.38 14.27
C SER B 226 -8.59 -0.36 14.30
N LEU B 227 -9.20 -1.36 14.94
CA LEU B 227 -8.45 -2.52 15.42
C LEU B 227 -7.88 -3.37 14.30
N ILE B 228 -8.69 -3.62 13.29
CA ILE B 228 -8.21 -4.42 12.18
C ILE B 228 -7.04 -3.69 11.48
N ASP B 229 -7.18 -2.38 11.26
CA ASP B 229 -6.12 -1.59 10.63
C ASP B 229 -4.82 -1.64 11.43
N SER B 230 -4.93 -1.43 12.74
N SER B 230 -4.90 -1.45 12.74
CA SER B 230 -3.77 -1.45 13.61
CA SER B 230 -3.70 -1.42 13.55
C SER B 230 -3.05 -2.80 13.52
C SER B 230 -3.03 -2.81 13.63
N HIS B 231 -3.82 -3.87 13.60
CA HIS B 231 -3.23 -5.20 13.64
C HIS B 231 -2.64 -5.59 12.28
N LEU B 232 -3.26 -5.17 11.17
CA LEU B 232 -2.69 -5.45 9.86
C LEU B 232 -1.38 -4.68 9.66
N LEU B 233 -1.34 -3.43 10.11
CA LEU B 233 -0.09 -2.66 10.04
C LEU B 233 1.01 -3.35 10.80
N LYS B 234 0.69 -3.83 12.00
CA LYS B 234 1.66 -4.55 12.80
C LYS B 234 2.14 -5.81 12.11
N PHE B 235 1.22 -6.56 11.49
CA PHE B 235 1.62 -7.72 10.69
C PHE B 235 2.65 -7.33 9.63
N ARG B 236 2.41 -6.22 8.94
CA ARG B 236 3.32 -5.80 7.87
C ARG B 236 4.69 -5.43 8.45
N GLU B 237 4.67 -4.63 9.51
CA GLU B 237 5.86 -4.11 10.15
C GLU B 237 6.73 -5.22 10.74
N GLU B 238 6.06 -6.25 11.26
CA GLU B 238 6.76 -7.37 11.86
C GLU B 238 7.25 -8.37 10.84
N GLY B 239 6.90 -8.21 9.57
CA GLY B 239 7.36 -9.12 8.54
C GLY B 239 6.46 -10.31 8.32
N PHE B 240 5.34 -10.35 9.02
CA PHE B 240 4.42 -11.50 8.90
C PHE B 240 3.83 -11.65 7.52
N ILE B 241 3.47 -10.54 6.89
CA ILE B 241 2.86 -10.61 5.57
C ILE B 241 3.86 -11.24 4.60
N ASP B 242 5.11 -10.79 4.65
CA ASP B 242 6.14 -11.33 3.76
C ASP B 242 6.38 -12.83 4.02
N ILE B 243 6.40 -13.23 5.27
CA ILE B 243 6.60 -14.62 5.63
C ILE B 243 5.46 -15.48 5.06
N LEU B 244 4.22 -15.01 5.19
CA LEU B 244 3.09 -15.74 4.63
C LEU B 244 3.12 -15.80 3.10
N TRP B 245 3.54 -14.73 2.42
CA TRP B 245 3.65 -14.81 0.96
C TRP B 245 4.70 -15.84 0.56
N GLU B 246 5.83 -15.89 1.25
N GLU B 246 5.84 -15.87 1.25
CA GLU B 246 6.86 -16.90 0.95
CA GLU B 246 6.87 -16.87 0.98
C GLU B 246 6.35 -18.32 1.26
C GLU B 246 6.34 -18.28 1.25
N LYS B 247 5.54 -18.45 2.31
CA LYS B 247 4.97 -19.75 2.66
C LYS B 247 4.04 -20.27 1.57
N TRP B 248 3.17 -19.39 1.10
CA TRP B 248 2.04 -19.83 0.28
C TRP B 248 2.24 -19.67 -1.21
N SER B 249 3.05 -18.72 -1.65
CA SER B 249 3.14 -18.49 -3.09
C SER B 249 4.07 -19.53 -3.69
N SER B 250 3.79 -19.89 -4.95
CA SER B 250 4.53 -20.97 -5.61
C SER B 250 5.98 -20.55 -5.87
N GLY B 251 6.88 -21.50 -5.73
CA GLY B 251 8.28 -21.25 -5.92
C GLY B 251 8.77 -22.03 -7.11
N ASN B 252 10.00 -21.75 -7.53
CA ASN B 252 10.57 -22.40 -8.70
C ASN B 252 9.72 -22.14 -9.93
N SER B 253 9.99 -22.94 -10.95
CA SER B 253 9.16 -23.07 -12.12
C SER B 253 9.83 -24.17 -12.91
N VAL B 254 9.03 -25.07 -13.46
CA VAL B 254 9.56 -26.11 -14.33
C VAL B 254 10.22 -25.46 -15.55
N CYS B 255 9.79 -24.24 -15.86
CA CYS B 255 10.21 -23.53 -17.06
C CYS B 255 11.66 -23.08 -16.99
N GLY C . 9.37 10.11 6.05
CA GLY C . 10.03 10.29 7.38
C GLY C . 9.10 9.94 8.51
O GLY C . 9.53 10.01 9.65
OXT GLY C . 7.94 9.60 8.27
H1 GLY C . 9.78 10.60 5.44
H2 GLY C . 9.41 9.25 5.81
H3 GLY C . 8.52 10.37 6.11
HA2 GLY C . 10.81 9.73 7.42
HA3 GLY C . 10.31 11.22 7.48
N SER D . 9.00 9.35 6.24
CA SER D . 9.70 9.68 7.53
C SER D . 8.72 9.92 8.67
O SER D . 9.11 10.15 9.81
CB SER D . 10.60 10.87 7.33
OG SER D . 11.06 10.92 6.00
OXT SER D . 7.51 9.87 8.45
H1 SER D . 9.61 9.27 5.59
H2 SER D . 8.55 8.59 6.33
H3 SER D . 8.43 10.01 6.04
HA SER D . 10.26 8.93 7.77
HB2 SER D . 10.10 11.68 7.52
HB3 SER D . 11.36 10.79 7.93
HG SER D . 10.40 10.97 5.47
MG MG E . 1.33 -0.22 -0.90
N GLY F . -8.54 -9.52 -6.48
CA GLY F . -9.82 -9.57 -7.25
C GLY F . -10.77 -8.47 -6.87
O GLY F . -11.76 -8.26 -7.60
OXT GLY F . -10.58 -7.79 -5.84
H1 GLY F . -7.95 -10.07 -6.85
H2 GLY F . -8.23 -8.70 -6.49
H3 GLY F . -8.70 -9.77 -5.64
HA2 GLY F . -9.62 -9.50 -8.20
HA3 GLY F . -10.25 -10.43 -7.11
N SER G . -8.58 -8.97 -6.40
CA SER G . -9.70 -9.09 -7.38
C SER G . -10.95 -8.42 -6.86
O SER G . -11.99 -8.43 -7.54
CB SER G . -9.96 -10.56 -7.71
OG SER G . -8.75 -11.23 -8.04
OXT SER G . -10.95 -7.84 -5.77
H1 SER G . -7.82 -9.30 -6.75
H2 SER G . -8.45 -8.11 -6.20
H3 SER G . -8.77 -9.42 -5.65
HA SER G . -9.44 -8.64 -8.20
HB2 SER G . -10.35 -10.99 -6.94
HB3 SER G . -10.56 -10.61 -8.46
HG SER G . -8.21 -11.20 -7.40
#